data_5ZYM
#
_entry.id   5ZYM
#
_cell.length_a   59.868
_cell.length_b   59.868
_cell.length_c   153.757
_cell.angle_alpha   90.000
_cell.angle_beta   90.000
_cell.angle_gamma   90.000
#
_symmetry.space_group_name_H-M   'P 41 21 2'
#
loop_
_entity.id
_entity.type
_entity.pdbx_description
1 polymer 'LIPID-TRANSFER PROTEIN CERT'
2 non-polymer 2-[4-[4-cyclopentyl-3-[(1~{R},2~{S})-2-pyridin-2-ylcyclopropyl]phenyl]phenyl]sulfonylethanol
3 non-polymer GLYCEROL
4 water water
#
_entity_poly.entity_id   1
_entity_poly.type   'polypeptide(L)'
_entity_poly.pdbx_seq_one_letter_code
;GPTHRFVQKVEEMVQNHMTYSLQDVGGDANWQLVVEEGEMKVYRREVEENGIVLDPLKATHAVKGVTGHEVCNYFWNVDV
RNDWETTIENFHVVETLADNAIIIYQTHKRVWPASQRDVLYLSVIRKIPALTENDPETWIVCNFSVDHDSAPLNNRCVRA
KINVAMICQTLVSPPEGNQEISRDNILCKITYVANVNPGGWAPASVLRAVAKREYPKFLKRFTSYVQEKTAGKPILF
;
_entity_poly.pdbx_strand_id   A
#
loop_
_chem_comp.id
_chem_comp.type
_chem_comp.name
_chem_comp.formula
9M6 non-polymer 2-[4-[4-cyclopentyl-3-[(1~{R},2~{S})-2-pyridin-2-ylcyclopropyl]phenyl]phenyl]sulfonylethanol 'C27 H29 N O3 S'
GOL non-polymer GLYCEROL 'C3 H8 O3'
#
# COMPACT_ATOMS: atom_id res chain seq x y z
N THR A 3 -12.20 -16.51 14.43
CA THR A 3 -12.81 -15.16 14.54
C THR A 3 -13.52 -14.82 13.22
N HIS A 4 -12.82 -14.83 12.09
CA HIS A 4 -13.47 -14.76 10.75
C HIS A 4 -12.79 -15.74 9.75
N ARG A 5 -13.40 -16.01 8.62
CA ARG A 5 -12.93 -17.07 7.81
C ARG A 5 -11.61 -16.77 7.04
N PHE A 6 -11.14 -15.52 7.12
CA PHE A 6 -9.91 -15.16 6.38
C PHE A 6 -8.71 -14.98 7.34
N VAL A 7 -8.88 -15.32 8.62
CA VAL A 7 -7.80 -15.16 9.59
C VAL A 7 -6.53 -15.81 9.16
N GLN A 8 -6.61 -17.06 8.71
CA GLN A 8 -5.43 -17.75 8.30
C GLN A 8 -4.77 -17.18 7.00
N LYS A 9 -5.60 -16.86 6.01
CA LYS A 9 -5.15 -16.25 4.78
C LYS A 9 -4.45 -14.89 5.08
N VAL A 10 -5.05 -14.12 5.98
CA VAL A 10 -4.43 -12.82 6.36
C VAL A 10 -3.07 -13.05 6.97
N GLU A 11 -2.98 -14.02 7.88
CA GLU A 11 -1.67 -14.34 8.46
C GLU A 11 -0.64 -14.72 7.42
N GLU A 12 -1.02 -15.50 6.44
CA GLU A 12 -0.06 -15.93 5.43
C GLU A 12 0.36 -14.73 4.56
N MET A 13 -0.58 -13.88 4.19
CA MET A 13 -0.24 -12.78 3.28
C MET A 13 0.66 -11.80 4.04
N VAL A 14 0.33 -11.53 5.29
CA VAL A 14 1.08 -10.62 6.10
C VAL A 14 2.48 -11.17 6.33
N GLN A 15 2.59 -12.44 6.68
CA GLN A 15 3.96 -12.96 6.92
C GLN A 15 4.78 -13.02 5.65
N ASN A 16 4.15 -13.26 4.50
CA ASN A 16 4.91 -13.30 3.25
C ASN A 16 5.55 -11.92 3.02
N HIS A 17 4.77 -10.86 3.26
CA HIS A 17 5.38 -9.52 3.20
C HIS A 17 6.48 -9.22 4.20
N MET A 18 6.26 -9.61 5.48
CA MET A 18 7.31 -9.51 6.46
C MET A 18 8.57 -10.28 6.07
N THR A 19 8.44 -11.43 5.40
CA THR A 19 9.60 -12.25 5.03
C THR A 19 10.30 -11.73 3.78
N TYR A 20 9.53 -11.33 2.79
CA TYR A 20 10.14 -11.05 1.53
C TYR A 20 10.10 -9.63 1.07
N SER A 21 9.12 -8.83 1.52
CA SER A 21 8.96 -7.48 0.95
C SER A 21 9.86 -6.46 1.62
N LEU A 22 10.27 -6.72 2.83
CA LEU A 22 11.11 -5.74 3.50
C LEU A 22 12.54 -5.72 3.08
N GLN A 23 13.03 -6.78 2.46
CA GLN A 23 14.43 -6.78 2.02
C GLN A 23 14.88 -5.56 1.20
N ASP A 24 16.14 -5.16 1.39
CA ASP A 24 16.67 -4.00 0.68
C ASP A 24 16.85 -4.41 -0.79
N VAL A 25 16.61 -3.49 -1.70
CA VAL A 25 16.90 -3.74 -3.09
C VAL A 25 17.85 -2.73 -3.71
N GLY A 26 18.39 -1.81 -2.89
CA GLY A 26 19.38 -0.79 -3.34
C GLY A 26 20.58 -1.50 -3.97
N GLY A 27 20.98 -2.61 -3.35
CA GLY A 27 22.08 -3.42 -3.82
C GLY A 27 21.69 -4.54 -4.79
N ASP A 28 20.40 -4.61 -5.16
CA ASP A 28 19.90 -5.74 -5.99
C ASP A 28 19.61 -5.33 -7.46
N ALA A 29 20.51 -5.76 -8.40
CA ALA A 29 20.36 -5.47 -9.85
C ALA A 29 19.15 -6.12 -10.54
N ASN A 30 18.48 -7.02 -9.83
CA ASN A 30 17.21 -7.56 -10.34
C ASN A 30 16.05 -6.52 -10.31
N TRP A 31 16.16 -5.52 -9.44
CA TRP A 31 15.14 -4.48 -9.41
C TRP A 31 15.62 -3.32 -10.23
N GLN A 32 14.80 -2.80 -11.12
CA GLN A 32 15.25 -1.65 -11.82
C GLN A 32 14.81 -0.41 -11.03
N LEU A 33 15.73 0.51 -10.78
CA LEU A 33 15.29 1.78 -10.14
C LEU A 33 14.74 2.68 -11.22
N VAL A 34 13.43 2.99 -11.17
CA VAL A 34 12.82 3.67 -12.27
C VAL A 34 12.59 5.17 -12.02
N VAL A 35 12.31 5.56 -10.77
CA VAL A 35 12.12 6.97 -10.45
C VAL A 35 12.74 7.21 -9.11
N GLU A 36 13.47 8.32 -8.95
CA GLU A 36 13.86 8.73 -7.63
C GLU A 36 13.57 10.22 -7.44
N GLU A 37 13.02 10.56 -6.26
CA GLU A 37 12.67 11.90 -5.95
C GLU A 37 13.04 12.05 -4.48
N GLY A 38 14.28 12.47 -4.21
CA GLY A 38 14.83 12.45 -2.84
C GLY A 38 14.89 11.05 -2.19
N GLU A 39 14.24 10.92 -1.03
CA GLU A 39 14.29 9.62 -0.34
C GLU A 39 13.27 8.68 -0.97
N MET A 40 12.43 9.18 -1.85
CA MET A 40 11.49 8.29 -2.54
C MET A 40 12.19 7.54 -3.68
N LYS A 41 12.22 6.21 -3.56
CA LYS A 41 12.88 5.40 -4.60
C LYS A 41 11.86 4.37 -5.10
N VAL A 42 11.52 4.42 -6.38
CA VAL A 42 10.54 3.49 -6.96
C VAL A 42 11.23 2.52 -7.91
N TYR A 43 11.08 1.22 -7.63
CA TYR A 43 11.70 0.21 -8.43
C TYR A 43 10.62 -0.69 -9.06
N ARG A 44 10.97 -1.41 -10.12
CA ARG A 44 10.10 -2.44 -10.56
C ARG A 44 10.90 -3.54 -11.27
N ARG A 45 10.23 -4.67 -11.53
CA ARG A 45 10.82 -5.70 -12.40
C ARG A 45 9.86 -5.85 -13.62
N GLU A 46 10.35 -6.01 -14.86
CA GLU A 46 9.47 -6.08 -16.02
C GLU A 46 9.08 -7.55 -16.14
N VAL A 47 7.81 -7.86 -15.96
CA VAL A 47 7.44 -9.28 -15.93
C VAL A 47 6.15 -9.35 -16.73
N GLU A 48 5.96 -10.32 -17.63
CA GLU A 48 4.68 -10.50 -18.38
C GLU A 48 4.36 -11.98 -18.25
N GLU A 49 3.08 -12.26 -18.07
CA GLU A 49 2.53 -13.60 -18.17
C GLU A 49 1.41 -13.60 -19.23
N ASN A 50 1.52 -14.48 -20.23
CA ASN A 50 0.58 -14.34 -21.37
C ASN A 50 0.49 -13.02 -22.08
N GLY A 51 1.61 -12.34 -22.21
CA GLY A 51 1.67 -11.03 -22.80
C GLY A 51 1.02 -9.91 -21.98
N ILE A 52 0.62 -10.22 -20.75
CA ILE A 52 0.06 -9.22 -19.85
C ILE A 52 1.04 -8.82 -18.79
N VAL A 53 1.26 -7.50 -18.72
CA VAL A 53 2.21 -6.95 -17.77
C VAL A 53 1.81 -7.22 -16.32
N LEU A 54 2.74 -7.82 -15.56
CA LEU A 54 2.57 -7.99 -14.11
C LEU A 54 3.50 -7.10 -13.26
N ASP A 55 4.53 -6.54 -13.88
CA ASP A 55 5.58 -5.83 -13.18
C ASP A 55 5.43 -5.57 -11.68
N PRO A 56 6.02 -6.43 -10.85
CA PRO A 56 6.16 -6.13 -9.43
C PRO A 56 6.73 -4.70 -9.23
N LEU A 57 6.10 -3.95 -8.34
CA LEU A 57 6.53 -2.56 -8.07
C LEU A 57 6.92 -2.59 -6.58
N LYS A 58 8.07 -1.99 -6.26
CA LYS A 58 8.50 -1.85 -4.87
C LYS A 58 9.11 -0.49 -4.69
N ALA A 59 8.64 0.25 -3.68
CA ALA A 59 9.17 1.59 -3.43
C ALA A 59 9.60 1.73 -1.98
N THR A 60 10.63 2.54 -1.73
CA THR A 60 10.88 2.96 -0.36
C THR A 60 10.70 4.50 -0.22
N HIS A 61 10.45 4.97 0.98
CA HIS A 61 10.36 6.40 1.20
C HIS A 61 10.67 6.61 2.67
N ALA A 62 10.96 7.84 3.07
CA ALA A 62 11.26 8.10 4.46
C ALA A 62 10.51 9.41 4.69
N VAL A 63 9.56 9.42 5.61
CA VAL A 63 8.69 10.54 5.78
C VAL A 63 8.89 11.15 7.18
N LYS A 64 9.30 12.41 7.24
CA LYS A 64 9.47 13.11 8.52
C LYS A 64 8.19 13.44 9.24
N GLY A 65 8.18 13.28 10.57
CA GLY A 65 7.07 13.85 11.33
C GLY A 65 5.74 13.09 11.44
N VAL A 66 5.75 11.83 11.02
CA VAL A 66 4.58 11.01 11.11
C VAL A 66 5.02 9.63 11.57
N THR A 67 4.15 8.89 12.23
CA THR A 67 4.49 7.51 12.59
C THR A 67 3.88 6.51 11.64
N GLY A 68 4.41 5.29 11.69
CA GLY A 68 3.88 4.21 10.92
C GLY A 68 2.43 3.89 11.24
N HIS A 69 2.07 3.97 12.51
CA HIS A 69 0.70 3.76 12.88
C HIS A 69 -0.19 4.82 12.23
N GLU A 70 0.27 6.08 12.17
CA GLU A 70 -0.54 7.09 11.55
C GLU A 70 -0.70 6.85 10.03
N VAL A 71 0.42 6.57 9.38
CA VAL A 71 0.41 6.41 7.93
C VAL A 71 -0.52 5.22 7.59
N CYS A 72 -0.36 4.12 8.36
CA CYS A 72 -1.25 2.94 8.09
C CYS A 72 -2.73 3.25 8.36
N ASN A 73 -3.04 3.95 9.45
CA ASN A 73 -4.43 4.37 9.67
C ASN A 73 -4.97 5.17 8.48
N TYR A 74 -4.22 6.17 7.98
CA TYR A 74 -4.80 7.00 6.92
C TYR A 74 -4.87 6.16 5.62
N PHE A 75 -3.95 5.21 5.45
CA PHE A 75 -3.99 4.40 4.20
C PHE A 75 -5.20 3.41 4.19
N TRP A 76 -5.54 2.89 5.36
CA TRP A 76 -6.53 1.88 5.51
C TRP A 76 -7.94 2.48 5.63
N ASN A 77 -8.05 3.65 6.27
CA ASN A 77 -9.37 4.22 6.66
C ASN A 77 -10.16 4.62 5.44
N VAL A 78 -11.19 3.83 5.08
CA VAL A 78 -11.98 4.16 3.89
C VAL A 78 -12.65 5.54 3.93
N ASP A 79 -12.95 6.03 5.11
CA ASP A 79 -13.58 7.35 5.24
C ASP A 79 -12.71 8.48 4.73
N VAL A 80 -11.39 8.30 4.63
CA VAL A 80 -10.61 9.48 4.12
C VAL A 80 -10.02 9.19 2.72
N ARG A 81 -10.37 8.04 2.17
CA ARG A 81 -9.78 7.58 0.95
C ARG A 81 -9.82 8.70 -0.11
N ASN A 82 -10.99 9.33 -0.27
CA ASN A 82 -11.17 10.32 -1.35
C ASN A 82 -10.35 11.56 -1.17
N ASP A 83 -9.84 11.82 0.04
CA ASP A 83 -8.99 13.00 0.19
C ASP A 83 -7.66 12.81 -0.45
N TRP A 84 -7.21 11.57 -0.61
CA TRP A 84 -5.86 11.43 -1.22
C TRP A 84 -5.84 10.61 -2.52
N GLU A 85 -6.78 9.67 -2.65
CA GLU A 85 -6.84 8.77 -3.81
C GLU A 85 -7.27 9.48 -5.06
N THR A 86 -6.62 9.26 -6.19
CA THR A 86 -7.09 9.97 -7.37
C THR A 86 -7.49 9.04 -8.54
N THR A 87 -7.47 7.73 -8.37
CA THR A 87 -7.75 6.92 -9.55
C THR A 87 -9.05 6.09 -9.37
N ILE A 88 -9.76 6.23 -8.28
CA ILE A 88 -10.90 5.31 -7.97
C ILE A 88 -12.09 6.03 -8.53
N GLU A 89 -12.96 5.34 -9.25
CA GLU A 89 -14.21 5.95 -9.61
C GLU A 89 -15.35 5.68 -8.62
N ASN A 90 -15.49 4.45 -8.13
CA ASN A 90 -16.56 4.12 -7.14
C ASN A 90 -15.95 3.11 -6.19
N PHE A 91 -16.39 3.06 -4.93
CA PHE A 91 -16.03 1.88 -4.07
C PHE A 91 -17.16 1.61 -3.16
N HIS A 92 -17.22 0.37 -2.70
CA HIS A 92 -18.30 -0.02 -1.82
C HIS A 92 -17.65 -0.99 -0.84
N VAL A 93 -17.92 -0.80 0.46
CA VAL A 93 -17.51 -1.81 1.44
C VAL A 93 -18.44 -3.01 1.32
N VAL A 94 -17.89 -4.16 0.96
CA VAL A 94 -18.73 -5.33 0.69
C VAL A 94 -18.99 -6.13 1.99
N GLU A 95 -18.05 -6.10 2.93
CA GLU A 95 -18.22 -6.92 4.12
C GLU A 95 -17.25 -6.38 5.20
N THR A 96 -17.69 -6.36 6.44
CA THR A 96 -16.77 -6.10 7.53
C THR A 96 -16.41 -7.38 8.19
N LEU A 97 -15.10 -7.67 8.32
CA LEU A 97 -14.74 -8.91 8.93
C LEU A 97 -14.35 -8.72 10.37
N ALA A 98 -13.67 -7.64 10.66
CA ALA A 98 -13.19 -7.35 12.04
C ALA A 98 -12.95 -5.84 12.10
N ASP A 99 -12.71 -5.29 13.26
CA ASP A 99 -12.46 -3.85 13.27
CA ASP A 99 -12.40 -3.87 13.39
C ASP A 99 -11.16 -3.51 12.53
N ASN A 100 -10.39 -4.53 12.13
CA ASN A 100 -9.19 -4.19 11.36
C ASN A 100 -9.16 -4.78 9.97
N ALA A 101 -10.30 -5.26 9.47
CA ALA A 101 -10.30 -6.00 8.20
C ALA A 101 -11.68 -5.89 7.51
N ILE A 102 -11.67 -5.36 6.28
CA ILE A 102 -12.89 -5.23 5.49
C ILE A 102 -12.65 -5.85 4.11
N ILE A 103 -13.71 -6.06 3.35
CA ILE A 103 -13.60 -6.42 1.95
C ILE A 103 -14.22 -5.29 1.16
N ILE A 104 -13.47 -4.83 0.12
CA ILE A 104 -13.85 -3.66 -0.65
C ILE A 104 -13.98 -4.02 -2.13
N TYR A 105 -14.99 -3.44 -2.80
CA TYR A 105 -15.12 -3.48 -4.24
C TYR A 105 -14.84 -2.10 -4.74
N GLN A 106 -13.93 -1.92 -5.72
CA GLN A 106 -13.77 -0.58 -6.25
C GLN A 106 -13.53 -0.65 -7.79
N THR A 107 -13.85 0.44 -8.48
CA THR A 107 -13.58 0.59 -9.91
C THR A 107 -12.57 1.69 -10.09
N HIS A 108 -11.69 1.53 -11.08
CA HIS A 108 -10.64 2.52 -11.36
C HIS A 108 -10.94 3.27 -12.61
N LYS A 109 -10.49 4.52 -12.64
CA LYS A 109 -10.58 5.29 -13.84
C LYS A 109 -9.94 4.54 -14.98
N ARG A 110 -10.59 4.64 -16.13
CA ARG A 110 -10.17 3.83 -17.27
C ARG A 110 -8.77 4.29 -17.72
N VAL A 111 -7.91 3.37 -18.11
CA VAL A 111 -6.66 3.77 -18.74
C VAL A 111 -6.72 3.40 -20.24
N TRP A 112 -6.93 4.40 -21.08
CA TRP A 112 -7.12 4.18 -22.50
C TRP A 112 -5.87 3.56 -23.11
N PRO A 113 -6.01 2.61 -24.04
CA PRO A 113 -7.25 2.22 -24.69
C PRO A 113 -7.83 0.88 -24.07
N ALA A 114 -7.33 0.48 -22.90
CA ALA A 114 -7.80 -0.73 -22.27
C ALA A 114 -9.15 -0.50 -21.58
N SER A 115 -9.87 -1.59 -21.36
CA SER A 115 -11.14 -1.54 -20.64
C SER A 115 -10.90 -1.05 -19.24
N GLN A 116 -11.95 -0.46 -18.67
CA GLN A 116 -11.87 -0.11 -17.24
C GLN A 116 -11.57 -1.35 -16.43
N ARG A 117 -10.86 -1.18 -15.31
CA ARG A 117 -10.72 -2.30 -14.36
C ARG A 117 -11.52 -2.10 -13.02
N ASP A 118 -11.91 -3.24 -12.43
CA ASP A 118 -12.38 -3.25 -11.08
C ASP A 118 -11.60 -4.21 -10.24
N VAL A 119 -11.82 -4.24 -8.93
CA VAL A 119 -11.01 -5.09 -8.09
C VAL A 119 -11.84 -5.34 -6.82
N LEU A 120 -11.55 -6.47 -6.20
CA LEU A 120 -12.33 -6.94 -5.02
C LEU A 120 -11.29 -7.52 -4.07
N TYR A 121 -11.05 -6.85 -2.92
CA TYR A 121 -9.90 -7.17 -2.14
C TYR A 121 -10.23 -7.08 -0.64
N LEU A 122 -9.50 -7.85 0.11
CA LEU A 122 -9.51 -7.72 1.55
C LEU A 122 -8.43 -6.68 1.90
N SER A 123 -8.78 -5.76 2.77
CA SER A 123 -7.89 -4.72 3.29
C SER A 123 -7.78 -4.92 4.84
N VAL A 124 -6.58 -5.16 5.29
CA VAL A 124 -6.34 -5.44 6.69
C VAL A 124 -5.19 -4.61 7.23
N ILE A 125 -5.32 -4.10 8.48
CA ILE A 125 -4.27 -3.32 9.12
C ILE A 125 -3.80 -4.05 10.37
N ARG A 126 -2.49 -4.33 10.47
CA ARG A 126 -1.96 -5.09 11.64
C ARG A 126 -0.66 -4.41 12.18
N LYS A 127 -0.41 -4.57 13.49
CA LYS A 127 0.85 -4.21 14.08
C LYS A 127 1.64 -5.50 14.32
N ILE A 128 2.87 -5.53 13.84
CA ILE A 128 3.63 -6.80 13.91
C ILE A 128 4.77 -6.53 14.89
N PRO A 129 4.81 -7.27 16.00
CA PRO A 129 5.81 -7.03 17.01
C PRO A 129 7.21 -7.27 16.50
N ALA A 130 8.17 -6.53 17.03
CA ALA A 130 9.57 -6.67 16.74
C ALA A 130 10.05 -8.13 16.90
N LEU A 131 10.73 -8.65 15.88
CA LEU A 131 11.11 -10.06 15.89
C LEU A 131 12.14 -10.33 17.01
N THR A 132 13.02 -9.35 17.29
CA THR A 132 13.87 -9.31 18.51
C THR A 132 13.84 -7.91 19.12
N GLU A 133 14.26 -7.78 20.38
CA GLU A 133 14.17 -6.50 21.10
C GLU A 133 15.08 -5.45 20.45
N ASN A 134 15.83 -5.87 19.43
CA ASN A 134 16.72 -4.99 18.69
C ASN A 134 16.04 -4.36 17.49
N ASP A 135 14.83 -4.80 17.17
CA ASP A 135 14.26 -4.52 15.86
C ASP A 135 13.09 -3.57 16.01
N PRO A 136 12.72 -2.90 14.92
CA PRO A 136 11.57 -1.98 15.07
C PRO A 136 10.25 -2.77 15.04
N GLU A 137 9.23 -2.31 15.74
CA GLU A 137 7.89 -2.79 15.43
C GLU A 137 7.46 -2.38 14.00
N THR A 138 6.47 -3.06 13.44
CA THR A 138 6.02 -2.74 12.09
C THR A 138 4.51 -2.54 12.08
N TRP A 139 4.03 -1.57 11.32
CA TRP A 139 2.61 -1.45 11.04
C TRP A 139 2.48 -1.69 9.55
N ILE A 140 1.51 -2.52 9.20
CA ILE A 140 1.34 -2.96 7.80
C ILE A 140 -0.12 -2.91 7.39
N VAL A 141 -0.40 -2.37 6.21
CA VAL A 141 -1.73 -2.56 5.63
C VAL A 141 -1.46 -3.50 4.44
N CYS A 142 -2.25 -4.57 4.30
CA CYS A 142 -2.19 -5.43 3.08
C CYS A 142 -3.54 -5.41 2.44
N ASN A 143 -3.56 -5.20 1.13
CA ASN A 143 -4.83 -5.21 0.36
C ASN A 143 -4.58 -6.31 -0.64
N PHE A 144 -5.33 -7.42 -0.53
CA PHE A 144 -5.15 -8.50 -1.45
C PHE A 144 -6.48 -9.10 -1.97
N SER A 145 -6.55 -9.32 -3.29
CA SER A 145 -7.81 -9.77 -3.93
C SER A 145 -8.32 -11.06 -3.29
N VAL A 146 -9.66 -11.14 -3.18
CA VAL A 146 -10.36 -12.35 -2.70
C VAL A 146 -11.63 -12.51 -3.53
N ASP A 147 -12.19 -13.71 -3.55
CA ASP A 147 -13.49 -13.92 -4.16
C ASP A 147 -14.57 -13.57 -3.19
N HIS A 148 -15.74 -13.23 -3.70
CA HIS A 148 -16.86 -13.03 -2.79
C HIS A 148 -18.17 -13.12 -3.61
N ASP A 149 -19.20 -13.75 -3.06
CA ASP A 149 -20.54 -13.80 -3.67
C ASP A 149 -21.24 -12.46 -3.94
N SER A 150 -20.95 -11.41 -3.21
CA SER A 150 -21.64 -10.13 -3.43
C SER A 150 -20.81 -9.12 -4.21
N ALA A 151 -19.98 -9.69 -5.09
CA ALA A 151 -19.28 -8.89 -6.07
C ALA A 151 -20.35 -8.43 -7.08
N PRO A 152 -20.40 -7.15 -7.43
CA PRO A 152 -21.28 -6.53 -8.47
C PRO A 152 -21.07 -7.10 -9.84
N LEU A 153 -22.11 -7.28 -10.65
CA LEU A 153 -21.96 -7.38 -12.09
C LEU A 153 -21.58 -5.95 -12.60
N ASN A 154 -20.47 -5.82 -13.33
CA ASN A 154 -20.10 -4.55 -13.85
C ASN A 154 -19.52 -4.85 -15.24
N ASN A 155 -20.38 -4.78 -16.27
CA ASN A 155 -19.98 -5.21 -17.61
C ASN A 155 -18.92 -4.35 -18.24
N ARG A 156 -18.75 -3.14 -17.75
CA ARG A 156 -17.70 -2.22 -18.25
C ARG A 156 -16.25 -2.63 -17.79
N CYS A 157 -16.17 -3.46 -16.78
CA CYS A 157 -14.86 -3.65 -16.09
C CYS A 157 -14.32 -5.06 -16.25
N VAL A 158 -13.00 -5.18 -16.41
CA VAL A 158 -12.28 -6.42 -16.42
C VAL A 158 -11.78 -6.50 -14.96
N ARG A 159 -11.80 -7.69 -14.38
CA ARG A 159 -11.45 -7.80 -12.93
C ARG A 159 -9.91 -7.92 -12.75
N ALA A 160 -9.27 -6.90 -12.22
CA ALA A 160 -7.84 -7.01 -11.90
C ALA A 160 -7.70 -7.74 -10.56
N LYS A 161 -6.50 -8.26 -10.28
CA LYS A 161 -6.19 -8.83 -8.98
C LYS A 161 -4.95 -8.13 -8.42
N ILE A 162 -4.96 -7.87 -7.11
CA ILE A 162 -3.84 -7.13 -6.49
C ILE A 162 -3.32 -7.79 -5.24
N ASN A 163 -2.05 -7.50 -4.93
CA ASN A 163 -1.46 -7.82 -3.67
C ASN A 163 -0.57 -6.64 -3.43
N VAL A 164 -1.00 -5.79 -2.51
CA VAL A 164 -0.33 -4.54 -2.18
C VAL A 164 -0.06 -4.56 -0.68
N ALA A 165 1.07 -3.95 -0.27
CA ALA A 165 1.30 -3.74 1.17
C ALA A 165 1.94 -2.39 1.41
N MET A 166 1.57 -1.71 2.48
CA MET A 166 2.19 -0.45 2.80
C MET A 166 2.81 -0.84 4.16
N ILE A 167 4.13 -0.88 4.27
CA ILE A 167 4.80 -1.48 5.45
C ILE A 167 5.66 -0.36 6.09
N CYS A 168 5.49 -0.07 7.40
CA CYS A 168 6.10 1.10 7.94
C CYS A 168 6.86 0.73 9.17
N GLN A 169 8.07 1.28 9.35
CA GLN A 169 8.83 1.14 10.63
C GLN A 169 9.18 2.55 11.03
N THR A 170 9.12 2.85 12.35
CA THR A 170 9.20 4.27 12.77
C THR A 170 10.41 4.41 13.67
N LEU A 171 11.24 5.41 13.40
CA LEU A 171 12.51 5.65 14.17
C LEU A 171 12.30 6.93 14.96
N VAL A 172 12.59 6.92 16.25
CA VAL A 172 12.47 8.16 17.01
C VAL A 172 13.75 8.48 17.76
N SER A 173 14.06 9.77 17.96
CA SER A 173 14.87 10.15 19.16
C SER A 173 14.24 9.64 20.50
N PRO A 174 15.06 9.01 21.35
CA PRO A 174 14.38 8.49 22.58
C PRO A 174 13.79 9.61 23.53
N PRO A 175 12.85 9.27 24.47
CA PRO A 175 12.37 10.37 25.35
C PRO A 175 13.47 10.87 26.35
N GLU A 176 13.58 12.19 26.53
CA GLU A 176 14.57 12.79 27.50
C GLU A 176 13.96 13.04 28.87
N GLY A 177 14.04 12.02 29.73
CA GLY A 177 13.23 11.97 30.96
C GLY A 177 11.76 12.29 30.63
N ASN A 178 11.15 13.11 31.50
CA ASN A 178 9.74 13.48 31.38
C ASN A 178 9.48 14.64 30.37
N GLN A 179 9.60 14.27 29.09
CA GLN A 179 9.36 15.16 27.96
C GLN A 179 9.03 14.24 26.76
N GLU A 180 7.92 14.59 26.14
CA GLU A 180 7.52 13.83 24.97
C GLU A 180 8.51 13.95 23.78
N ILE A 181 8.25 13.12 22.77
CA ILE A 181 9.02 13.13 21.60
C ILE A 181 8.30 14.09 20.67
N SER A 182 9.03 15.00 20.07
CA SER A 182 8.43 15.93 19.09
C SER A 182 8.39 15.30 17.67
N ARG A 183 7.48 15.79 16.82
CA ARG A 183 7.38 15.27 15.46
C ARG A 183 8.63 15.56 14.71
N ASP A 184 9.42 16.58 15.10
CA ASP A 184 10.73 16.81 14.45
C ASP A 184 11.63 15.63 14.65
N ASN A 185 11.38 14.80 15.66
CA ASN A 185 12.32 13.73 15.91
C ASN A 185 11.75 12.35 15.57
N ILE A 186 10.85 12.31 14.60
CA ILE A 186 10.31 11.02 14.25
C ILE A 186 10.39 10.91 12.71
N LEU A 187 10.61 9.67 12.21
CA LEU A 187 10.84 9.40 10.78
C LEU A 187 10.21 8.05 10.50
N CYS A 188 9.32 8.00 9.50
CA CYS A 188 8.61 6.80 9.14
C CYS A 188 9.26 6.20 7.91
N LYS A 189 9.79 5.01 8.07
CA LYS A 189 10.42 4.36 6.92
C LYS A 189 9.36 3.51 6.25
N ILE A 190 9.07 3.82 4.99
CA ILE A 190 8.04 3.10 4.27
C ILE A 190 8.62 2.15 3.23
N THR A 191 8.08 0.92 3.16
CA THR A 191 8.22 0.07 1.97
C THR A 191 6.82 -0.25 1.46
N TYR A 192 6.60 0.09 0.19
CA TYR A 192 5.30 -0.08 -0.42
C TYR A 192 5.55 -1.04 -1.60
N VAL A 193 4.74 -2.11 -1.67
CA VAL A 193 4.85 -3.04 -2.75
C VAL A 193 3.50 -3.22 -3.42
N ALA A 194 3.52 -3.33 -4.75
CA ALA A 194 2.25 -3.51 -5.43
C ALA A 194 2.46 -4.51 -6.57
N ASN A 195 1.73 -5.64 -6.47
CA ASN A 195 1.76 -6.65 -7.54
C ASN A 195 0.34 -6.68 -8.15
N VAL A 196 0.21 -6.14 -9.38
CA VAL A 196 -1.11 -5.91 -9.90
C VAL A 196 -1.21 -6.77 -11.13
N ASN A 197 -2.31 -7.55 -11.24
CA ASN A 197 -2.56 -8.36 -12.43
C ASN A 197 -3.74 -7.72 -13.11
N PRO A 198 -3.53 -7.09 -14.29
CA PRO A 198 -4.60 -6.31 -14.94
C PRO A 198 -5.72 -7.24 -15.38
N GLY A 199 -5.45 -8.53 -15.42
CA GLY A 199 -6.51 -9.52 -15.58
C GLY A 199 -7.02 -9.68 -16.96
N GLY A 200 -6.32 -9.14 -17.92
CA GLY A 200 -6.78 -9.31 -19.28
C GLY A 200 -5.90 -8.38 -20.10
N TRP A 201 -6.28 -8.20 -21.36
CA TRP A 201 -5.48 -7.42 -22.33
C TRP A 201 -5.24 -5.95 -21.89
N ALA A 202 -4.01 -5.47 -22.01
CA ALA A 202 -3.73 -4.08 -21.85
C ALA A 202 -2.40 -3.85 -22.54
N PRO A 203 -2.24 -2.74 -23.26
CA PRO A 203 -0.99 -2.71 -23.97
C PRO A 203 0.18 -2.37 -23.06
N ALA A 204 1.25 -3.16 -23.16
CA ALA A 204 2.30 -3.10 -22.17
C ALA A 204 2.92 -1.70 -22.04
N SER A 205 3.25 -1.02 -23.14
CA SER A 205 4.00 0.24 -22.98
C SER A 205 3.12 1.30 -22.28
N VAL A 206 1.81 1.28 -22.55
CA VAL A 206 0.96 2.26 -21.90
C VAL A 206 0.84 1.98 -20.37
N LEU A 207 0.62 0.73 -20.00
CA LEU A 207 0.60 0.37 -18.57
C LEU A 207 1.91 0.77 -17.85
N ARG A 208 3.03 0.50 -18.50
CA ARG A 208 4.32 0.83 -17.94
C ARG A 208 4.49 2.32 -17.77
N ALA A 209 3.99 3.12 -18.72
CA ALA A 209 4.26 4.57 -18.65
C ALA A 209 3.41 5.13 -17.58
N VAL A 210 2.19 4.63 -17.52
CA VAL A 210 1.25 5.06 -16.50
C VAL A 210 1.69 4.71 -15.07
N ALA A 211 2.16 3.47 -14.82
CA ALA A 211 2.73 3.11 -13.51
C ALA A 211 3.89 4.02 -13.16
N LYS A 212 4.81 4.24 -14.11
CA LYS A 212 6.01 5.05 -13.82
C LYS A 212 5.63 6.46 -13.40
N ARG A 213 4.59 6.98 -13.96
CA ARG A 213 4.11 8.27 -13.54
C ARG A 213 3.21 8.25 -12.24
N GLU A 214 2.32 7.28 -12.13
CA GLU A 214 1.27 7.38 -11.11
C GLU A 214 1.78 6.85 -9.74
N TYR A 215 2.69 5.88 -9.73
CA TYR A 215 3.09 5.40 -8.39
C TYR A 215 3.84 6.50 -7.57
N PRO A 216 4.75 7.24 -8.21
CA PRO A 216 5.42 8.27 -7.42
C PRO A 216 4.48 9.40 -7.11
N LYS A 217 3.56 9.73 -8.02
CA LYS A 217 2.57 10.75 -7.72
C LYS A 217 1.73 10.35 -6.52
N PHE A 218 1.30 9.11 -6.51
CA PHE A 218 0.60 8.55 -5.34
C PHE A 218 1.45 8.65 -4.08
N LEU A 219 2.67 8.13 -4.09
CA LEU A 219 3.45 8.15 -2.85
C LEU A 219 3.64 9.56 -2.31
N LYS A 220 3.82 10.51 -3.22
CA LYS A 220 4.07 11.87 -2.83
C LYS A 220 2.85 12.49 -2.27
N ARG A 221 1.72 12.31 -2.94
CA ARG A 221 0.51 12.97 -2.49
C ARG A 221 0.03 12.38 -1.17
N PHE A 222 0.04 11.06 -1.09
CA PHE A 222 -0.45 10.37 0.11
C PHE A 222 0.43 10.70 1.31
N THR A 223 1.75 10.62 1.18
CA THR A 223 2.61 10.92 2.33
C THR A 223 2.48 12.39 2.74
N SER A 224 2.33 13.31 1.80
CA SER A 224 2.19 14.74 2.16
C SER A 224 0.88 14.90 2.87
N TYR A 225 -0.13 14.20 2.38
CA TYR A 225 -1.47 14.26 2.98
C TYR A 225 -1.39 13.82 4.46
N VAL A 226 -0.65 12.73 4.75
CA VAL A 226 -0.58 12.30 6.18
C VAL A 226 0.16 13.39 6.99
N GLN A 227 1.22 13.96 6.44
CA GLN A 227 1.93 14.96 7.19
C GLN A 227 1.03 16.16 7.43
N GLU A 228 0.21 16.51 6.45
CA GLU A 228 -0.55 17.71 6.57
C GLU A 228 -1.62 17.50 7.65
N LYS A 229 -2.26 16.34 7.67
CA LYS A 229 -3.35 16.08 8.58
C LYS A 229 -2.91 15.86 10.00
N THR A 230 -1.69 15.34 10.20
CA THR A 230 -1.20 15.07 11.56
C THR A 230 -0.48 16.29 12.15
N ALA A 231 -0.09 17.27 11.33
CA ALA A 231 0.68 18.46 11.87
C ALA A 231 -0.09 19.07 13.06
N GLY A 232 0.61 19.34 14.16
CA GLY A 232 -0.09 19.85 15.37
C GLY A 232 -1.21 18.98 15.95
N LYS A 233 -1.20 17.68 15.70
CA LYS A 233 -2.11 16.82 16.45
C LYS A 233 -1.16 15.98 17.32
N PRO A 234 -1.64 15.54 18.48
CA PRO A 234 -0.76 14.69 19.27
C PRO A 234 -0.34 13.44 18.44
N ILE A 235 0.85 12.98 18.71
CA ILE A 235 1.30 11.81 17.98
C ILE A 235 0.59 10.55 18.36
N LEU A 236 0.17 9.75 17.40
CA LEU A 236 -0.34 8.44 17.73
C LEU A 236 0.73 7.44 17.36
N PHE A 237 1.48 6.93 18.32
CA PHE A 237 2.51 5.95 18.00
C PHE A 237 1.87 4.62 17.75
C2 9M6 B . -4.58 -2.18 -14.01
C12 9M6 B . -2.87 0.72 -5.87
C13 9M6 B . -6.22 1.36 -2.66
C14 9M6 B . -4.74 1.83 -2.78
C15 9M6 B . -3.81 0.14 -5.05
C17 9M6 B . -4.09 -0.28 -9.26
C18 9M6 B . -3.01 0.09 -10.09
C19 9M6 B . -2.01 0.47 -12.40
C20 9M6 B . -3.11 -0.05 -11.51
N1 9M6 B . -3.03 3.13 -10.44
C5 9M6 B . -4.99 -2.22 -15.49
C6 9M6 B . -4.28 -0.55 -12.11
C7 9M6 B . -5.35 -0.95 -11.27
C9 9M6 B . -4.02 -0.16 -7.79
O3 9M6 B . -2.20 0.95 -3.10
S1 9M6 B . -3.60 0.44 -3.27
O2 9M6 B . -4.25 -0.78 -2.67
O1 9M6 B . -6.72 1.48 -3.98
C16 9M6 B . -4.95 -0.56 -5.53
C10 9M6 B . -5.01 -0.70 -6.93
C11 9M6 B . -2.94 0.58 -7.25
C8 9M6 B . -5.25 -0.81 -9.87
C1 9M6 B . -4.40 -0.72 -13.66
C3 9M6 B . -5.59 -0.14 -14.45
C4 9M6 B . -5.43 -0.79 -15.83
C27 9M6 B . -1.54 1.93 -12.11
C21 9M6 B . -0.62 0.73 -11.98
C22 9M6 B . -1.75 2.74 -10.80
C23 9M6 B . -0.71 3.09 -9.84
C24 9M6 B . -0.92 3.78 -8.60
C25 9M6 B . -2.23 4.19 -8.27
C26 9M6 B . -3.24 3.82 -9.23
C1 GOL C . 12.40 -0.46 7.33
O1 GOL C . 12.92 0.54 8.22
C2 GOL C . 11.33 0.20 6.47
O2 GOL C . 11.59 0.02 5.10
C3 GOL C . 10.00 -0.45 6.73
O3 GOL C . 9.21 -0.01 5.66
#